data_4LDU
#
_entry.id   4LDU
#
_cell.length_a   69.613
_cell.length_b   91.502
_cell.length_c   77.182
_cell.angle_alpha   90.00
_cell.angle_beta   114.28
_cell.angle_gamma   90.00
#
_symmetry.space_group_name_H-M   'C 1 2 1'
#
loop_
_entity.id
_entity.type
_entity.pdbx_description
1 polymer 'Auxin response factor 5'
2 non-polymer 'CHLORIDE ION'
3 water water
#
_entity_poly.entity_id   1
_entity_poly.type   'polypeptide(L)'
_entity_poly.pdbx_seq_one_letter_code
;MMASLSCVEDKMKTSCLVNGGGTITTTTSQSTLLEEMKLLKDQSGTRKPVINSELWHACAGPLVCLPQVGSLVYYFSQGH
SEQVAVSTRRSATTQVPNYPNLPSQLMCQVHNVTLHADKDSDEIYAQMSLQPVHSERDVFPVPDFGMLRGSKHPTEFFCK
TLTASDTSTHGGFSVPRRAAEKLFPPLDYSAQPPTQELVVRDLHENTWTFRHIYRGQPKRHLLTTGWSLFVGSKRLRAGD
SVLFIRDEKSQLMVGVRRANRQQTALPSSVLSADSMHIGVLAAAAHATANRTPFLIFYNPRACPAEFVIPLAKYRKAICG
SQLSVGMRFGMMFETEDSGKRRYMGTIVGISDLDPLRWPGSKWRNLQVEWDEPGCNDKPTRVSPWDIETPNSYSQSM
;
_entity_poly.pdbx_strand_id   A
#
# COMPACT_ATOMS: atom_id res chain seq x y z
N PRO A 49 14.02 11.08 14.71
CA PRO A 49 12.70 11.60 14.31
C PRO A 49 11.80 10.51 13.67
N VAL A 50 10.57 10.40 14.17
CA VAL A 50 9.76 9.18 13.94
C VAL A 50 8.63 9.34 12.88
N ILE A 51 8.66 8.46 11.88
CA ILE A 51 7.83 8.53 10.68
C ILE A 51 6.33 8.37 10.99
N ASN A 52 5.51 9.29 10.46
CA ASN A 52 4.11 9.35 10.85
C ASN A 52 3.30 8.20 10.27
N SER A 53 2.91 7.29 11.18
CA SER A 53 2.29 6.02 10.79
C SER A 53 0.99 6.17 9.99
N GLU A 54 0.13 7.04 10.48
CA GLU A 54 -1.10 7.36 9.79
C GLU A 54 -0.98 8.00 8.40
N LEU A 55 -0.02 8.92 8.21
CA LEU A 55 0.21 9.54 6.92
C LEU A 55 0.83 8.51 5.98
N TRP A 56 1.83 7.77 6.47
CA TRP A 56 2.30 6.59 5.80
C TRP A 56 1.11 5.74 5.37
N HIS A 57 0.20 5.38 6.28
CA HIS A 57 -1.00 4.56 5.88
C HIS A 57 -1.94 5.27 4.89
N ALA A 58 -2.17 6.57 5.08
CA ALA A 58 -2.98 7.31 4.10
C ALA A 58 -2.33 7.19 2.71
N CYS A 59 -1.01 7.37 2.62
CA CYS A 59 -0.25 7.34 1.35
C CYS A 59 -0.24 5.93 0.71
N ALA A 60 0.00 4.93 1.56
CA ALA A 60 -0.06 3.51 1.24
C ALA A 60 -1.38 3.11 0.52
N GLY A 61 -2.51 3.66 0.92
CA GLY A 61 -3.78 3.20 0.38
C GLY A 61 -4.70 2.64 1.44
N PRO A 62 -6.00 2.85 1.28
CA PRO A 62 -7.07 2.45 2.18
C PRO A 62 -7.17 0.95 2.45
N LEU A 63 -6.67 0.10 1.56
CA LEU A 63 -6.81 -1.32 1.72
C LEU A 63 -5.58 -1.91 2.35
N VAL A 64 -4.59 -1.07 2.69
CA VAL A 64 -3.35 -1.59 3.17
C VAL A 64 -3.49 -1.86 4.64
N CYS A 65 -3.23 -3.09 5.03
CA CYS A 65 -3.24 -3.47 6.42
C CYS A 65 -2.04 -4.38 6.66
N LEU A 66 -1.06 -3.86 7.40
CA LEU A 66 0.20 -4.57 7.61
C LEU A 66 0.10 -5.64 8.72
N PRO A 67 0.87 -6.73 8.63
CA PRO A 67 0.94 -7.65 9.77
C PRO A 67 1.35 -6.98 11.09
N GLN A 68 0.75 -7.34 12.22
CA GLN A 68 1.19 -6.81 13.51
C GLN A 68 2.54 -7.49 13.89
N VAL A 69 3.40 -6.77 14.62
CA VAL A 69 4.67 -7.32 15.14
C VAL A 69 4.28 -8.44 16.14
N GLY A 70 5.04 -9.52 16.18
CA GLY A 70 4.78 -10.65 17.03
C GLY A 70 3.78 -11.69 16.51
N SER A 71 3.24 -11.44 15.30
CA SER A 71 2.11 -12.24 14.77
C SER A 71 2.58 -13.31 13.82
N LEU A 72 1.78 -14.37 13.69
CA LEU A 72 2.11 -15.37 12.68
C LEU A 72 1.56 -14.97 11.32
N VAL A 73 2.30 -15.29 10.26
CA VAL A 73 1.93 -14.93 8.88
C VAL A 73 2.29 -16.06 7.93
N TYR A 74 1.75 -16.00 6.72
CA TYR A 74 2.25 -16.85 5.61
C TYR A 74 2.93 -15.95 4.59
N TYR A 75 4.13 -16.33 4.18
CA TYR A 75 4.92 -15.59 3.25
C TYR A 75 4.89 -16.37 1.94
N PHE A 76 4.55 -15.67 0.87
CA PHE A 76 4.33 -16.29 -0.42
C PHE A 76 5.45 -15.81 -1.31
N SER A 77 6.39 -16.70 -1.57
CA SER A 77 7.55 -16.38 -2.35
C SER A 77 7.13 -15.85 -3.74
N GLN A 78 6.05 -16.41 -4.31
CA GLN A 78 5.56 -15.98 -5.62
C GLN A 78 5.07 -14.52 -5.56
N GLY A 79 4.40 -14.13 -4.49
CA GLY A 79 3.99 -12.74 -4.37
C GLY A 79 5.22 -11.84 -4.28
N HIS A 80 6.22 -12.32 -3.56
CA HIS A 80 7.50 -11.54 -3.40
C HIS A 80 8.11 -11.30 -4.74
N SER A 81 8.25 -12.38 -5.53
CA SER A 81 8.87 -12.28 -6.86
C SER A 81 8.08 -11.31 -7.72
N GLU A 82 6.76 -11.24 -7.51
CA GLU A 82 5.91 -10.37 -8.31
C GLU A 82 6.25 -8.94 -7.99
N GLN A 83 6.44 -8.65 -6.69
CA GLN A 83 6.80 -7.31 -6.39
C GLN A 83 8.17 -6.94 -6.93
N VAL A 84 9.09 -7.91 -7.01
CA VAL A 84 10.43 -7.66 -7.47
C VAL A 84 10.44 -7.41 -8.97
N ALA A 85 9.64 -8.19 -9.70
CA ALA A 85 9.48 -8.03 -11.15
C ALA A 85 8.98 -6.64 -11.52
N VAL A 86 8.05 -6.08 -10.75
CA VAL A 86 7.55 -4.72 -10.96
C VAL A 86 8.72 -3.74 -10.85
N SER A 87 9.43 -3.82 -9.72
CA SER A 87 10.59 -2.99 -9.42
C SER A 87 11.71 -3.16 -10.44
N THR A 88 11.80 -4.35 -11.04
CA THR A 88 12.87 -4.73 -11.95
C THR A 88 12.48 -4.59 -13.41
N ARG A 89 11.22 -4.22 -13.66
CA ARG A 89 10.63 -4.18 -15.02
C ARG A 89 10.86 -5.45 -15.85
N ARG A 90 11.41 -6.47 -15.22
CA ARG A 90 11.61 -7.76 -15.88
C ARG A 90 11.24 -8.89 -14.96
N SER A 91 10.53 -9.86 -15.53
CA SER A 91 9.89 -10.93 -14.75
C SER A 91 10.90 -11.99 -14.27
N ALA A 92 10.45 -12.84 -13.34
CA ALA A 92 11.29 -13.90 -12.78
C ALA A 92 11.67 -14.90 -13.88
N THR A 93 12.95 -14.96 -14.24
CA THR A 93 13.42 -15.84 -15.34
C THR A 93 13.11 -17.34 -15.13
N THR A 94 13.10 -18.10 -16.22
CA THR A 94 12.77 -19.54 -16.19
C THR A 94 13.80 -20.31 -15.37
N GLN A 95 15.02 -19.77 -15.33
CA GLN A 95 16.16 -20.47 -14.76
C GLN A 95 16.21 -20.51 -13.24
N VAL A 96 15.60 -19.53 -12.57
CA VAL A 96 15.66 -19.50 -11.09
C VAL A 96 15.50 -20.93 -10.55
N PRO A 97 16.39 -21.32 -9.62
CA PRO A 97 16.52 -22.76 -9.31
C PRO A 97 15.39 -23.32 -8.45
N ASN A 98 15.34 -24.65 -8.36
CA ASN A 98 14.45 -25.34 -7.43
C ASN A 98 14.99 -25.27 -6.00
N TYR A 99 14.11 -24.93 -5.06
CA TYR A 99 14.42 -25.01 -3.65
C TYR A 99 13.40 -25.95 -3.04
N PRO A 100 13.74 -27.25 -2.91
CA PRO A 100 12.69 -28.19 -2.50
C PRO A 100 12.14 -27.85 -1.11
N ASN A 101 13.00 -27.32 -0.25
CA ASN A 101 12.64 -26.98 1.13
C ASN A 101 11.84 -25.66 1.27
N LEU A 102 11.63 -24.94 0.17
CA LEU A 102 10.90 -23.64 0.27
C LEU A 102 9.45 -23.82 -0.18
N PRO A 103 8.51 -23.84 0.77
CA PRO A 103 7.14 -24.08 0.32
C PRO A 103 6.54 -22.79 -0.26
N SER A 104 5.52 -22.93 -1.09
CA SER A 104 4.77 -21.77 -1.65
C SER A 104 4.16 -20.85 -0.57
N GLN A 105 3.99 -21.39 0.64
CA GLN A 105 3.47 -20.63 1.76
C GLN A 105 4.25 -20.99 3.02
N LEU A 106 5.01 -20.02 3.52
CA LEU A 106 6.04 -20.26 4.50
C LEU A 106 5.56 -19.55 5.76
N MET A 107 5.27 -20.32 6.80
CA MET A 107 4.77 -19.72 8.04
C MET A 107 5.92 -19.02 8.71
N CYS A 108 5.73 -17.75 9.01
CA CYS A 108 6.73 -17.03 9.77
C CYS A 108 6.08 -16.31 10.91
N GLN A 109 6.92 -15.87 11.84
CA GLN A 109 6.52 -14.92 12.83
C GLN A 109 7.17 -13.59 12.46
N VAL A 110 6.40 -12.51 12.62
CA VAL A 110 6.88 -11.15 12.37
C VAL A 110 7.74 -10.65 13.54
N HIS A 111 9.03 -10.50 13.28
CA HIS A 111 9.99 -10.02 14.27
C HIS A 111 9.90 -8.49 14.34
N ASN A 112 9.70 -7.85 13.20
CA ASN A 112 9.64 -6.41 13.16
C ASN A 112 8.97 -5.88 11.90
N VAL A 113 8.31 -4.74 12.04
CA VAL A 113 7.75 -3.97 10.91
C VAL A 113 8.14 -2.51 11.16
N THR A 114 8.83 -1.92 10.19
CA THR A 114 9.16 -0.51 10.11
C THR A 114 8.77 0.16 8.78
N LEU A 115 8.48 1.45 8.88
CA LEU A 115 7.86 2.21 7.82
C LEU A 115 8.84 3.20 7.30
N HIS A 116 8.96 3.28 5.97
CA HIS A 116 9.95 4.17 5.37
C HIS A 116 9.37 5.03 4.27
N ALA A 117 9.96 6.20 4.06
CA ALA A 117 9.61 7.09 2.94
C ALA A 117 10.85 7.79 2.39
N ASP A 118 10.91 7.95 1.07
CA ASP A 118 12.01 8.71 0.47
C ASP A 118 11.63 10.20 0.29
N LYS A 119 12.53 11.10 0.67
CA LYS A 119 12.19 12.51 0.79
C LYS A 119 12.15 13.19 -0.57
N ASP A 120 12.78 12.60 -1.59
CA ASP A 120 12.86 13.28 -2.88
C ASP A 120 11.83 12.70 -3.84
N SER A 121 11.60 11.40 -3.74
CA SER A 121 10.71 10.72 -4.63
C SER A 121 9.32 10.47 -4.05
N ASP A 122 9.21 10.38 -2.72
CA ASP A 122 7.95 10.08 -2.06
C ASP A 122 7.58 8.63 -2.19
N GLU A 123 8.57 7.81 -2.52
CA GLU A 123 8.43 6.37 -2.50
C GLU A 123 8.23 5.99 -1.07
N ILE A 124 7.35 5.03 -0.82
CA ILE A 124 7.19 4.53 0.51
C ILE A 124 7.22 2.98 0.45
N TYR A 125 7.67 2.37 1.54
CA TYR A 125 7.64 0.91 1.67
C TYR A 125 7.83 0.58 3.14
N ALA A 126 7.50 -0.66 3.50
CA ALA A 126 7.72 -1.20 4.83
C ALA A 126 8.75 -2.30 4.73
N GLN A 127 9.53 -2.43 5.77
CA GLN A 127 10.51 -3.49 5.90
C GLN A 127 9.96 -4.40 6.96
N MET A 128 9.80 -5.66 6.62
CA MET A 128 9.42 -6.64 7.61
C MET A 128 10.52 -7.69 7.86
N SER A 129 10.78 -7.95 9.12
CA SER A 129 11.70 -9.00 9.52
C SER A 129 10.86 -10.22 9.89
N LEU A 130 11.02 -11.28 9.08
CA LEU A 130 10.26 -12.51 9.22
C LEU A 130 11.19 -13.67 9.60
N GLN A 131 10.81 -14.43 10.62
CA GLN A 131 11.55 -15.68 10.98
C GLN A 131 10.64 -16.89 10.69
N PRO A 132 11.08 -17.81 9.80
CA PRO A 132 10.22 -18.97 9.56
C PRO A 132 10.14 -19.84 10.81
N VAL A 133 8.94 -20.33 11.15
CA VAL A 133 8.73 -21.17 12.34
C VAL A 133 8.29 -22.57 11.92
N HIS A 134 9.01 -23.61 12.36
CA HIS A 134 8.71 -24.97 11.95
C HIS A 134 8.00 -25.75 13.02
N SER A 135 8.12 -25.28 14.25
CA SER A 135 7.34 -25.81 15.34
C SER A 135 7.17 -24.72 16.38
N GLU A 136 6.34 -24.99 17.39
CA GLU A 136 6.08 -24.04 18.47
C GLU A 136 7.37 -23.57 19.14
N ARG A 137 8.41 -24.40 19.05
CA ARG A 137 9.74 -24.10 19.56
C ARG A 137 10.37 -22.88 18.86
N ASP A 138 10.00 -22.65 17.60
CA ASP A 138 10.52 -21.50 16.85
C ASP A 138 9.84 -20.16 17.16
N VAL A 139 8.81 -20.18 18.01
CA VAL A 139 7.89 -19.04 18.16
C VAL A 139 8.10 -18.22 19.42
N PHE A 140 8.61 -17.00 19.26
CA PHE A 140 8.65 -16.05 20.35
C PHE A 140 7.23 -15.70 20.71
N PRO A 141 6.87 -15.84 21.98
CA PRO A 141 5.66 -15.26 22.56
C PRO A 141 5.55 -13.77 22.24
N VAL A 142 4.31 -13.27 22.23
CA VAL A 142 4.05 -11.91 21.76
C VAL A 142 4.54 -10.80 22.70
N PRO A 143 4.51 -11.04 24.05
CA PRO A 143 5.02 -10.00 24.98
C PRO A 143 6.52 -9.65 24.78
N ASP A 144 7.31 -10.65 24.37
CA ASP A 144 8.75 -10.53 24.05
C ASP A 144 9.02 -9.43 23.02
N PHE A 145 7.95 -9.00 22.35
CA PHE A 145 7.99 -7.96 21.32
C PHE A 145 7.66 -6.56 21.82
N GLY A 146 7.40 -6.44 23.14
CA GLY A 146 7.09 -5.15 23.79
C GLY A 146 5.77 -4.58 23.33
N MET A 147 5.48 -3.33 23.74
CA MET A 147 4.26 -2.65 23.27
C MET A 147 4.27 -2.44 21.75
N LEU A 148 3.16 -2.80 21.12
CA LEU A 148 2.93 -2.57 19.70
C LEU A 148 1.80 -1.54 19.53
N ARG A 149 1.91 -0.71 18.51
CA ARG A 149 0.78 0.14 18.15
C ARG A 149 0.11 -0.44 16.89
N GLY A 150 -1.18 -0.14 16.72
CA GLY A 150 -1.92 -0.56 15.53
C GLY A 150 -1.42 0.11 14.26
N SER A 151 -1.70 -0.51 13.11
CA SER A 151 -1.44 0.09 11.80
C SER A 151 -2.79 0.57 11.22
N LYS A 152 -3.14 1.82 11.54
CA LYS A 152 -4.45 2.38 11.22
C LYS A 152 -4.39 3.57 10.29
N HIS A 153 -5.41 3.64 9.45
CA HIS A 153 -5.57 4.75 8.57
C HIS A 153 -6.24 5.84 9.38
N PRO A 154 -5.95 7.10 9.07
CA PRO A 154 -6.65 8.20 9.73
C PRO A 154 -8.11 8.25 9.29
N THR A 155 -9.01 8.52 10.22
CA THR A 155 -10.40 8.56 9.86
C THR A 155 -10.79 9.89 9.20
N GLU A 156 -10.02 10.96 9.44
CA GLU A 156 -10.30 12.24 8.74
C GLU A 156 -9.26 12.55 7.66
N PHE A 157 -9.65 12.51 6.39
CA PHE A 157 -8.69 12.71 5.31
C PHE A 157 -9.39 13.00 4.00
N PHE A 158 -8.61 13.47 3.01
CA PHE A 158 -9.06 13.54 1.63
C PHE A 158 -7.86 13.40 0.66
N CYS A 159 -8.17 13.05 -0.58
CA CYS A 159 -7.15 12.73 -1.55
C CYS A 159 -7.75 13.20 -2.86
N LYS A 160 -6.91 13.83 -3.69
CA LYS A 160 -7.34 14.33 -4.97
C LYS A 160 -6.27 14.14 -6.02
N THR A 161 -6.67 13.73 -7.23
CA THR A 161 -5.77 13.81 -8.37
C THR A 161 -5.58 15.28 -8.68
N LEU A 162 -4.33 15.71 -8.91
CA LEU A 162 -4.12 17.11 -9.28
C LEU A 162 -4.61 17.40 -10.68
N THR A 163 -5.36 18.49 -10.84
CA THR A 163 -5.81 18.97 -12.16
C THR A 163 -4.68 19.83 -12.75
N ALA A 164 -4.91 20.33 -13.96
CA ALA A 164 -4.00 21.30 -14.61
C ALA A 164 -3.98 22.65 -13.88
N SER A 165 -5.13 23.06 -13.36
CA SER A 165 -5.23 24.34 -12.67
C SER A 165 -4.71 24.26 -11.24
N ASP A 166 -4.76 23.05 -10.62
CA ASP A 166 -4.07 22.79 -9.34
C ASP A 166 -2.55 23.04 -9.43
N THR A 167 -2.00 22.95 -10.65
CA THR A 167 -0.53 23.03 -10.83
C THR A 167 -0.09 24.29 -11.58
N SER A 168 -1.05 25.02 -12.15
CA SER A 168 -0.74 26.30 -12.82
C SER A 168 -0.23 27.34 -11.82
N THR A 169 0.63 28.22 -12.29
CA THR A 169 1.22 29.30 -11.48
C THR A 169 0.17 30.14 -10.71
N HIS A 170 -0.88 30.58 -11.39
CA HIS A 170 -2.04 31.15 -10.71
C HIS A 170 -3.04 30.01 -10.54
N GLY A 171 -4.25 30.31 -10.05
CA GLY A 171 -5.28 29.27 -10.00
C GLY A 171 -5.39 28.52 -8.68
N GLY A 172 -4.27 28.19 -8.06
CA GLY A 172 -4.31 27.51 -6.75
C GLY A 172 -4.88 26.10 -6.78
N PHE A 173 -4.88 25.45 -5.62
CA PHE A 173 -5.43 24.12 -5.40
C PHE A 173 -6.88 24.24 -4.91
N SER A 174 -7.82 23.62 -5.64
CA SER A 174 -9.25 23.62 -5.30
C SER A 174 -9.50 22.51 -4.33
N VAL A 175 -10.15 22.82 -3.24
CA VAL A 175 -10.46 21.82 -2.23
C VAL A 175 -11.98 21.60 -2.23
N PRO A 176 -12.44 20.32 -2.21
CA PRO A 176 -13.88 20.16 -2.11
C PRO A 176 -14.39 20.67 -0.74
N ARG A 177 -15.53 21.35 -0.79
CA ARG A 177 -16.21 21.92 0.34
C ARG A 177 -16.18 21.05 1.56
N ARG A 178 -16.62 19.79 1.42
CA ARG A 178 -16.73 18.91 2.58
C ARG A 178 -15.39 18.63 3.16
N ALA A 179 -14.41 18.52 2.29
CA ALA A 179 -13.04 18.26 2.74
C ALA A 179 -12.48 19.48 3.50
N ALA A 180 -12.74 20.69 2.99
CA ALA A 180 -12.25 21.89 3.64
C ALA A 180 -12.91 22.05 5.01
N GLU A 181 -14.22 21.78 5.08
CA GLU A 181 -14.99 21.92 6.33
C GLU A 181 -14.63 20.84 7.39
N LYS A 182 -14.29 19.64 6.95
CA LYS A 182 -13.85 18.56 7.82
C LYS A 182 -12.38 18.70 8.24
N LEU A 183 -11.51 19.04 7.29
CA LEU A 183 -10.07 19.02 7.62
C LEU A 183 -9.44 20.34 8.03
N PHE A 184 -10.01 21.45 7.60
CA PHE A 184 -9.38 22.73 7.94
C PHE A 184 -10.13 23.41 9.07
N PRO A 185 -9.44 24.31 9.83
CA PRO A 185 -10.26 24.99 10.86
C PRO A 185 -11.34 25.87 10.22
N PRO A 186 -12.48 26.07 10.90
CA PRO A 186 -13.59 26.90 10.37
C PRO A 186 -13.18 28.33 9.96
N LEU A 187 -13.65 28.79 8.82
CA LEU A 187 -13.33 30.13 8.32
C LEU A 187 -14.26 31.17 8.95
N ASP A 188 -13.80 32.43 9.02
CA ASP A 188 -14.67 33.59 9.33
C ASP A 188 -15.27 34.04 8.01
N TYR A 189 -16.51 33.61 7.74
CA TYR A 189 -17.09 33.89 6.42
C TYR A 189 -17.56 35.33 6.28
N SER A 190 -17.36 36.13 7.33
CA SER A 190 -17.69 37.55 7.24
C SER A 190 -16.50 38.38 6.75
N ALA A 191 -15.29 37.80 6.77
CA ALA A 191 -14.06 38.52 6.33
C ALA A 191 -14.12 38.84 4.85
N GLN A 192 -13.52 39.95 4.41
CA GLN A 192 -13.76 40.45 3.05
C GLN A 192 -13.20 39.50 2.00
N PRO A 193 -12.01 38.92 2.26
CA PRO A 193 -11.83 37.55 1.80
C PRO A 193 -11.82 36.62 3.02
N PRO A 194 -12.69 35.59 3.05
CA PRO A 194 -12.47 34.62 4.13
C PRO A 194 -11.18 33.84 3.86
N THR A 195 -10.31 33.78 4.86
CA THR A 195 -8.95 33.34 4.62
C THR A 195 -8.32 32.93 5.93
N GLN A 196 -7.33 32.04 5.86
CA GLN A 196 -6.57 31.63 7.03
C GLN A 196 -5.28 31.03 6.53
N GLU A 197 -4.30 30.84 7.42
CA GLU A 197 -3.06 30.13 7.08
C GLU A 197 -3.04 28.77 7.73
N LEU A 198 -2.72 27.76 6.95
CA LEU A 198 -2.68 26.39 7.46
C LEU A 198 -1.23 25.99 7.55
N VAL A 199 -0.83 25.46 8.70
CA VAL A 199 0.52 24.92 8.89
C VAL A 199 0.37 23.40 8.78
N VAL A 200 1.05 22.84 7.79
CA VAL A 200 0.86 21.47 7.33
C VAL A 200 2.23 20.76 7.41
N ARG A 201 2.24 19.52 7.85
CA ARG A 201 3.50 18.82 7.95
C ARG A 201 3.51 17.70 6.93
N ASP A 202 4.64 17.48 6.27
CA ASP A 202 4.71 16.44 5.26
C ASP A 202 5.28 15.15 5.91
N LEU A 203 5.57 14.12 5.13
CA LEU A 203 5.92 12.79 5.74
C LEU A 203 7.39 12.77 6.14
N HIS A 204 8.09 13.83 5.72
CA HIS A 204 9.53 13.91 5.83
C HIS A 204 9.85 14.95 6.87
N GLU A 205 8.88 15.25 7.76
CA GLU A 205 9.11 16.16 8.86
C GLU A 205 9.20 17.68 8.52
N ASN A 206 9.07 18.03 7.23
CA ASN A 206 9.05 19.41 6.77
C ASN A 206 7.69 20.03 7.00
N THR A 207 7.74 21.33 7.33
CA THR A 207 6.56 22.11 7.52
C THR A 207 6.29 23.05 6.31
N TRP A 208 5.02 23.29 6.02
CA TRP A 208 4.65 24.15 4.91
C TRP A 208 3.46 24.94 5.39
N THR A 209 3.45 26.24 5.17
CA THR A 209 2.23 27.02 5.33
C THR A 209 1.53 27.18 4.00
N PHE A 210 0.22 26.95 3.98
CA PHE A 210 -0.61 27.25 2.83
C PHE A 210 -1.64 28.27 3.20
N ARG A 211 -1.84 29.25 2.33
CA ARG A 211 -2.96 30.14 2.49
C ARG A 211 -4.26 29.47 2.01
N HIS A 212 -5.24 29.37 2.89
CA HIS A 212 -6.54 28.84 2.55
C HIS A 212 -7.53 30.00 2.43
N ILE A 213 -8.09 30.15 1.22
CA ILE A 213 -8.97 31.27 0.87
C ILE A 213 -10.31 30.72 0.32
N TYR A 214 -11.40 31.46 0.53
CA TYR A 214 -12.75 31.08 0.06
C TYR A 214 -13.26 32.20 -0.81
N ARG A 215 -13.22 32.02 -2.14
CA ARG A 215 -13.56 33.09 -3.07
C ARG A 215 -13.99 32.53 -4.45
N GLY A 216 -14.45 33.44 -5.30
CA GLY A 216 -14.73 33.14 -6.70
C GLY A 216 -16.21 33.20 -7.01
N GLN A 217 -16.53 33.06 -8.29
CA GLN A 217 -17.90 32.98 -8.72
C GLN A 217 -18.08 31.70 -9.54
N PRO A 218 -18.56 30.60 -8.92
CA PRO A 218 -19.04 30.46 -7.56
C PRO A 218 -17.89 30.39 -6.57
N LYS A 219 -18.17 30.61 -5.29
CA LYS A 219 -17.16 30.46 -4.26
C LYS A 219 -16.61 29.04 -4.21
N ARG A 220 -15.30 28.97 -4.01
CA ARG A 220 -14.52 27.73 -4.00
C ARG A 220 -13.55 27.81 -2.84
N HIS A 221 -13.24 26.69 -2.22
CA HIS A 221 -12.13 26.69 -1.26
C HIS A 221 -10.85 26.46 -2.06
N LEU A 222 -9.87 27.33 -1.84
CA LEU A 222 -8.60 27.26 -2.52
C LEU A 222 -7.44 27.34 -1.53
N LEU A 223 -6.35 26.69 -1.90
CA LEU A 223 -5.03 26.92 -1.33
C LEU A 223 -4.28 27.77 -2.33
N THR A 224 -3.84 28.96 -1.90
CA THR A 224 -3.09 29.84 -2.77
C THR A 224 -1.65 30.00 -2.31
N THR A 225 -1.33 31.07 -1.57
CA THR A 225 0.08 31.31 -1.28
C THR A 225 0.75 30.09 -0.65
N GLY A 226 1.87 29.64 -1.22
CA GLY A 226 2.62 28.54 -0.62
C GLY A 226 2.39 27.20 -1.31
N TRP A 227 1.21 27.08 -1.92
CA TRP A 227 0.84 25.94 -2.73
C TRP A 227 1.75 25.70 -3.94
N SER A 228 1.91 26.75 -4.74
CA SER A 228 2.82 26.75 -5.89
C SER A 228 4.29 26.52 -5.50
N LEU A 229 4.69 26.96 -4.30
CA LEU A 229 6.02 26.65 -3.72
C LEU A 229 6.20 25.12 -3.49
N PHE A 230 5.17 24.53 -2.92
CA PHE A 230 5.08 23.08 -2.68
C PHE A 230 5.16 22.33 -4.01
N VAL A 231 4.30 22.71 -4.95
CA VAL A 231 4.23 22.06 -6.27
C VAL A 231 5.59 22.16 -6.98
N GLY A 232 6.17 23.36 -6.97
CA GLY A 232 7.49 23.60 -7.54
C GLY A 232 8.55 22.76 -6.83
N SER A 233 8.66 22.93 -5.51
CA SER A 233 9.69 22.23 -4.75
C SER A 233 9.62 20.70 -4.93
N LYS A 234 8.42 20.15 -4.97
CA LYS A 234 8.26 18.70 -5.08
C LYS A 234 8.08 18.18 -6.49
N ARG A 235 8.06 19.10 -7.47
CA ARG A 235 7.99 18.72 -8.86
C ARG A 235 6.73 17.91 -9.16
N LEU A 236 5.62 18.30 -8.54
CA LEU A 236 4.33 17.65 -8.78
C LEU A 236 3.81 18.06 -10.17
N ARG A 237 3.06 17.18 -10.78
CA ARG A 237 2.44 17.41 -12.09
C ARG A 237 0.99 16.99 -12.01
N ALA A 238 0.20 17.45 -12.97
CA ALA A 238 -1.17 16.98 -13.11
C ALA A 238 -1.17 15.45 -13.32
N GLY A 239 -2.09 14.75 -12.66
CA GLY A 239 -2.07 13.29 -12.60
C GLY A 239 -1.57 12.74 -11.27
N ASP A 240 -0.61 13.41 -10.65
CA ASP A 240 -0.10 13.01 -9.34
C ASP A 240 -1.26 13.20 -8.35
N SER A 241 -1.24 12.52 -7.21
CA SER A 241 -2.23 12.87 -6.17
C SER A 241 -1.61 13.55 -4.98
N VAL A 242 -2.44 14.36 -4.29
CA VAL A 242 -2.07 14.94 -3.02
C VAL A 242 -3.15 14.53 -2.02
N LEU A 243 -2.75 14.31 -0.75
CA LEU A 243 -3.65 13.84 0.30
C LEU A 243 -3.42 14.75 1.48
N PHE A 244 -4.50 15.21 2.16
CA PHE A 244 -4.42 15.83 3.49
C PHE A 244 -5.12 14.97 4.53
N ILE A 245 -4.52 14.84 5.73
CA ILE A 245 -5.12 14.06 6.85
C ILE A 245 -5.03 14.86 8.14
N ARG A 246 -5.84 14.51 9.14
CA ARG A 246 -5.56 14.82 10.56
C ARG A 246 -5.09 13.55 11.23
N ASP A 247 -3.91 13.57 11.85
CA ASP A 247 -3.50 12.38 12.58
C ASP A 247 -4.12 12.29 13.96
N GLU A 248 -3.73 11.26 14.72
CA GLU A 248 -4.29 10.96 16.03
C GLU A 248 -4.11 12.14 16.99
N LYS A 249 -3.03 12.89 16.79
CA LYS A 249 -2.71 14.07 17.58
C LYS A 249 -3.38 15.32 17.00
N SER A 250 -4.28 15.12 16.05
CA SER A 250 -4.97 16.20 15.34
C SER A 250 -4.02 17.15 14.57
N GLN A 251 -2.91 16.60 14.09
CA GLN A 251 -1.97 17.29 13.24
C GLN A 251 -2.38 17.21 11.77
N LEU A 252 -2.28 18.35 11.07
CA LEU A 252 -2.63 18.49 9.71
C LEU A 252 -1.42 18.16 8.85
N MET A 253 -1.55 17.13 8.05
CA MET A 253 -0.39 16.63 7.35
C MET A 253 -0.73 16.52 5.93
N VAL A 254 0.29 16.40 5.09
CA VAL A 254 0.04 16.31 3.68
C VAL A 254 0.90 15.21 3.03
N GLY A 255 0.34 14.43 2.11
CA GLY A 255 1.09 13.35 1.51
C GLY A 255 0.93 13.46 0.03
N VAL A 256 1.82 12.76 -0.68
CA VAL A 256 1.88 12.83 -2.16
C VAL A 256 1.99 11.44 -2.79
N ARG A 257 1.31 11.20 -3.92
CA ARG A 257 1.58 10.01 -4.76
C ARG A 257 1.97 10.47 -6.14
N ARG A 258 2.91 9.79 -6.78
CA ARG A 258 3.32 10.19 -8.11
C ARG A 258 2.73 9.21 -9.09
N ALA A 259 2.18 9.72 -10.18
CA ALA A 259 1.63 8.87 -11.25
C ALA A 259 2.74 8.21 -12.04
N ASN A 260 2.37 7.13 -12.73
CA ASN A 260 3.22 6.26 -13.57
C ASN A 260 4.70 6.02 -13.15
N LEU A 266 15.13 3.81 -13.34
CA LEU A 266 16.56 3.53 -13.37
C LEU A 266 16.89 2.21 -12.68
N PRO A 267 17.39 1.23 -13.45
CA PRO A 267 17.83 -0.11 -12.99
C PRO A 267 18.96 -0.09 -11.96
N SER A 268 19.01 -1.14 -11.13
CA SER A 268 20.11 -1.33 -10.18
C SER A 268 21.34 -1.71 -10.97
N SER A 269 22.46 -1.11 -10.57
CA SER A 269 23.74 -1.45 -11.17
C SER A 269 24.64 -2.10 -10.12
N VAL A 270 24.02 -2.66 -9.07
CA VAL A 270 24.73 -3.50 -8.08
C VAL A 270 24.70 -4.99 -8.45
N LEU A 271 23.50 -5.51 -8.69
CA LEU A 271 23.18 -6.91 -9.04
C LEU A 271 22.25 -6.97 -10.25
N SER A 272 22.46 -7.98 -11.13
CA SER A 272 21.60 -8.27 -12.27
C SER A 272 20.16 -8.55 -11.79
N ALA A 273 19.24 -8.42 -12.73
CA ALA A 273 17.81 -8.61 -12.46
C ALA A 273 17.58 -10.07 -11.98
N ASP A 274 18.15 -10.99 -12.76
CA ASP A 274 18.18 -12.41 -12.39
C ASP A 274 18.68 -12.73 -10.99
N SER A 275 19.79 -12.11 -10.58
CA SER A 275 20.41 -12.40 -9.30
C SER A 275 19.55 -11.92 -8.18
N MET A 276 18.87 -10.79 -8.41
CA MET A 276 17.93 -10.22 -7.46
C MET A 276 16.76 -11.22 -7.24
N HIS A 277 16.30 -11.81 -8.35
CA HIS A 277 15.21 -12.82 -8.37
C HIS A 277 15.65 -14.11 -7.74
N ILE A 278 16.91 -14.47 -7.95
CA ILE A 278 17.47 -15.65 -7.34
C ILE A 278 17.63 -15.40 -5.85
N GLY A 279 18.02 -14.17 -5.47
CA GLY A 279 18.27 -13.82 -4.07
C GLY A 279 17.04 -13.83 -3.20
N VAL A 280 15.93 -13.33 -3.75
CA VAL A 280 14.64 -13.46 -3.11
C VAL A 280 14.38 -14.92 -2.65
N LEU A 281 14.46 -15.85 -3.59
CA LEU A 281 14.26 -17.27 -3.33
C LEU A 281 15.31 -17.88 -2.38
N ALA A 282 16.60 -17.59 -2.62
CA ALA A 282 17.66 -18.12 -1.78
C ALA A 282 17.59 -17.62 -0.32
N ALA A 283 17.29 -16.32 -0.13
CA ALA A 283 17.21 -15.78 1.25
C ALA A 283 16.12 -16.51 2.07
N ALA A 284 14.90 -16.58 1.52
CA ALA A 284 13.81 -17.40 2.12
C ALA A 284 14.15 -18.87 2.35
N ALA A 285 14.70 -19.57 1.34
CA ALA A 285 15.14 -20.96 1.53
C ALA A 285 16.22 -21.12 2.65
N HIS A 286 17.12 -20.12 2.80
CA HIS A 286 18.20 -20.24 3.76
C HIS A 286 17.67 -19.90 5.16
N ALA A 287 16.72 -18.98 5.22
CA ALA A 287 16.05 -18.65 6.45
C ALA A 287 15.19 -19.83 6.95
N THR A 288 14.54 -20.53 6.01
CA THR A 288 13.72 -21.70 6.33
C THR A 288 14.58 -22.82 6.90
N ALA A 289 15.66 -23.18 6.21
CA ALA A 289 16.60 -24.19 6.74
C ALA A 289 17.13 -23.90 8.15
N ASN A 290 17.48 -22.63 8.45
CA ASN A 290 18.13 -22.30 9.73
C ASN A 290 17.22 -21.66 10.75
N ARG A 291 15.96 -21.45 10.37
CA ARG A 291 15.04 -20.65 11.18
C ARG A 291 15.71 -19.33 11.60
N THR A 292 16.23 -18.58 10.64
CA THR A 292 16.77 -17.26 10.96
C THR A 292 15.89 -16.17 10.34
N PRO A 293 15.87 -14.97 10.95
CA PRO A 293 15.14 -13.84 10.39
C PRO A 293 15.59 -13.44 8.96
N PHE A 294 14.66 -13.05 8.10
CA PHE A 294 15.06 -12.45 6.84
C PHE A 294 14.16 -11.24 6.63
N LEU A 295 14.73 -10.25 5.96
CA LEU A 295 14.13 -8.93 5.82
C LEU A 295 13.58 -8.74 4.43
N ILE A 296 12.27 -8.48 4.34
CA ILE A 296 11.66 -8.23 3.06
C ILE A 296 11.23 -6.76 2.99
N PHE A 297 11.18 -6.23 1.76
CA PHE A 297 10.57 -4.91 1.56
C PHE A 297 9.20 -5.05 0.88
N TYR A 298 8.23 -4.26 1.37
CA TYR A 298 6.91 -4.17 0.70
C TYR A 298 6.59 -2.72 0.33
N ASN A 299 6.45 -2.47 -0.97
CA ASN A 299 6.11 -1.12 -1.48
C ASN A 299 4.62 -1.17 -1.86
N PRO A 300 3.74 -0.57 -1.05
CA PRO A 300 2.33 -0.80 -1.37
C PRO A 300 1.83 -0.08 -2.63
N ARG A 301 2.61 0.83 -3.21
CA ARG A 301 2.15 1.52 -4.43
C ARG A 301 2.67 0.86 -5.68
N ALA A 302 3.62 -0.05 -5.52
CA ALA A 302 4.21 -0.69 -6.66
C ALA A 302 3.84 -2.17 -6.63
N CYS A 303 3.47 -2.69 -5.47
CA CYS A 303 3.22 -4.12 -5.29
C CYS A 303 1.82 -4.55 -5.76
N PRO A 304 1.76 -5.42 -6.81
CA PRO A 304 0.44 -5.84 -7.33
C PRO A 304 -0.49 -6.51 -6.27
N ALA A 305 0.07 -7.33 -5.36
CA ALA A 305 -0.72 -7.93 -4.25
C ALA A 305 0.12 -8.19 -3.00
N GLU A 306 -0.41 -7.96 -1.80
CA GLU A 306 0.34 -8.28 -0.57
C GLU A 306 0.80 -9.76 -0.56
N PHE A 307 2.10 -10.01 -0.30
CA PHE A 307 2.64 -11.34 -0.23
C PHE A 307 2.99 -11.80 1.20
N VAL A 308 2.71 -10.97 2.23
CA VAL A 308 2.86 -11.37 3.64
C VAL A 308 1.47 -11.32 4.27
N ILE A 309 0.88 -12.50 4.50
CA ILE A 309 -0.55 -12.61 4.76
C ILE A 309 -0.76 -13.07 6.22
N PRO A 310 -1.36 -12.21 7.07
CA PRO A 310 -1.65 -12.65 8.44
C PRO A 310 -2.32 -14.01 8.46
N LEU A 311 -1.84 -14.89 9.33
CA LEU A 311 -2.46 -16.20 9.53
C LEU A 311 -3.98 -16.12 9.71
N ALA A 312 -4.47 -15.17 10.51
CA ALA A 312 -5.92 -15.02 10.77
C ALA A 312 -6.69 -14.76 9.48
N LYS A 313 -6.13 -13.91 8.63
CA LYS A 313 -6.71 -13.60 7.33
C LYS A 313 -6.71 -14.82 6.39
N TYR A 314 -5.59 -15.54 6.35
CA TYR A 314 -5.48 -16.76 5.55
C TYR A 314 -6.49 -17.81 5.95
N ARG A 315 -6.63 -18.05 7.27
CA ARG A 315 -7.53 -19.06 7.83
C ARG A 315 -8.99 -18.75 7.51
N LYS A 316 -9.43 -17.52 7.79
CA LYS A 316 -10.80 -17.12 7.50
C LYS A 316 -11.14 -17.43 6.03
N ALA A 317 -10.25 -17.03 5.13
CA ALA A 317 -10.45 -17.26 3.70
C ALA A 317 -10.36 -18.75 3.29
N ILE A 318 -9.39 -19.50 3.85
CA ILE A 318 -9.15 -20.89 3.44
C ILE A 318 -9.91 -21.91 4.29
N CYS A 319 -9.41 -22.15 5.50
CA CYS A 319 -9.78 -23.32 6.32
C CYS A 319 -11.29 -23.51 6.54
N GLY A 320 -11.99 -22.43 6.87
CA GLY A 320 -13.44 -22.49 7.10
C GLY A 320 -14.21 -22.58 5.80
N SER A 321 -13.80 -21.77 4.83
CA SER A 321 -14.53 -21.57 3.59
C SER A 321 -14.70 -22.81 2.68
N GLN A 322 -15.42 -22.61 1.58
CA GLN A 322 -15.58 -23.59 0.51
C GLN A 322 -15.82 -22.83 -0.79
N LEU A 323 -14.90 -22.97 -1.75
CA LEU A 323 -14.96 -22.20 -2.99
C LEU A 323 -15.21 -23.13 -4.16
N SER A 324 -15.86 -22.61 -5.19
CA SER A 324 -16.25 -23.44 -6.34
C SER A 324 -16.16 -22.66 -7.63
N VAL A 325 -15.99 -23.34 -8.76
CA VAL A 325 -16.14 -22.64 -10.02
C VAL A 325 -17.62 -22.38 -10.30
N GLY A 326 -17.92 -21.15 -10.67
CA GLY A 326 -19.30 -20.73 -10.87
C GLY A 326 -19.69 -19.72 -9.82
N MET A 327 -18.97 -19.69 -8.71
CA MET A 327 -19.29 -18.87 -7.55
C MET A 327 -19.17 -17.37 -7.79
N ARG A 328 -20.11 -16.63 -7.22
CA ARG A 328 -20.05 -15.16 -7.20
C ARG A 328 -19.27 -14.66 -5.99
N PHE A 329 -18.59 -13.53 -6.18
CA PHE A 329 -17.70 -12.97 -5.16
C PHE A 329 -17.55 -11.46 -5.36
N GLY A 330 -17.25 -10.78 -4.26
CA GLY A 330 -16.91 -9.34 -4.25
C GLY A 330 -15.45 -9.19 -3.88
N MET A 331 -14.75 -8.30 -4.60
CA MET A 331 -13.37 -7.91 -4.23
C MET A 331 -13.27 -6.39 -4.10
N MET A 332 -12.59 -5.91 -3.06
CA MET A 332 -12.44 -4.45 -2.83
C MET A 332 -11.26 -3.91 -3.65
N PHE A 333 -11.47 -2.74 -4.26
CA PHE A 333 -10.42 -2.02 -4.95
C PHE A 333 -10.35 -0.58 -4.46
N GLU A 334 -9.15 -0.03 -4.49
CA GLU A 334 -8.95 1.33 -4.11
C GLU A 334 -9.55 2.21 -5.23
N THR A 335 -10.26 3.26 -4.83
CA THR A 335 -10.78 4.24 -5.80
C THR A 335 -9.86 5.45 -5.88
N GLU A 336 -10.11 6.27 -6.88
CA GLU A 336 -9.32 7.49 -7.12
C GLU A 336 -9.19 8.43 -5.94
N ASP A 337 -10.28 8.66 -5.21
CA ASP A 337 -10.17 9.57 -4.04
C ASP A 337 -9.78 8.83 -2.76
N SER A 338 -9.19 7.63 -2.94
CA SER A 338 -8.69 6.82 -1.83
C SER A 338 -9.81 6.26 -0.99
N GLY A 339 -10.95 6.11 -1.62
CA GLY A 339 -12.03 5.33 -1.08
C GLY A 339 -11.84 3.88 -1.51
N LYS A 340 -12.81 3.07 -1.15
CA LYS A 340 -12.84 1.67 -1.55
C LYS A 340 -14.14 1.38 -2.29
N ARG A 341 -14.05 0.58 -3.34
CA ARG A 341 -15.21 0.15 -4.09
C ARG A 341 -15.25 -1.39 -4.30
N ARG A 342 -16.40 -2.00 -4.04
CA ARG A 342 -16.54 -3.46 -4.24
C ARG A 342 -16.81 -3.77 -5.70
N TYR A 343 -15.99 -4.61 -6.29
CA TYR A 343 -16.27 -5.12 -7.63
C TYR A 343 -16.69 -6.60 -7.59
N MET A 344 -17.71 -6.92 -8.37
CA MET A 344 -18.25 -8.27 -8.42
C MET A 344 -17.68 -9.03 -9.61
N GLY A 345 -17.49 -10.33 -9.39
CA GLY A 345 -17.26 -11.23 -10.48
C GLY A 345 -17.65 -12.67 -10.17
N THR A 346 -17.14 -13.54 -11.03
CA THR A 346 -17.42 -14.96 -11.03
C THR A 346 -16.08 -15.70 -11.05
N ILE A 347 -15.95 -16.74 -10.22
CA ILE A 347 -14.83 -17.65 -10.35
C ILE A 347 -15.03 -18.53 -11.57
N VAL A 348 -14.04 -18.57 -12.45
CA VAL A 348 -14.22 -19.28 -13.70
C VAL A 348 -13.29 -20.47 -13.80
N GLY A 349 -12.50 -20.67 -12.74
CA GLY A 349 -11.50 -21.74 -12.65
C GLY A 349 -10.72 -21.70 -11.35
N ILE A 350 -10.30 -22.86 -10.89
CA ILE A 350 -9.50 -22.92 -9.71
C ILE A 350 -8.36 -23.84 -9.99
N SER A 351 -7.15 -23.30 -10.07
CA SER A 351 -6.03 -24.10 -10.51
C SER A 351 -4.78 -23.33 -10.20
N ASP A 352 -3.65 -24.04 -10.13
CA ASP A 352 -2.34 -23.44 -9.95
C ASP A 352 -2.00 -22.38 -10.96
N LEU A 353 -1.54 -21.23 -10.44
CA LEU A 353 -0.93 -20.20 -11.26
C LEU A 353 0.18 -20.82 -12.06
N ASP A 354 1.00 -21.62 -11.40
CA ASP A 354 2.18 -22.18 -12.01
C ASP A 354 2.37 -23.60 -11.53
N PRO A 355 1.69 -24.56 -12.19
CA PRO A 355 1.73 -25.95 -11.80
C PRO A 355 3.12 -26.60 -11.78
N LEU A 356 4.10 -26.06 -12.50
CA LEU A 356 5.37 -26.76 -12.58
C LEU A 356 6.27 -26.39 -11.41
N ARG A 357 6.37 -25.10 -11.13
CA ARG A 357 7.31 -24.64 -10.14
C ARG A 357 6.67 -24.65 -8.78
N TRP A 358 5.36 -24.39 -8.73
CA TRP A 358 4.66 -24.21 -7.48
C TRP A 358 3.38 -25.03 -7.44
N PRO A 359 3.52 -26.37 -7.41
CA PRO A 359 2.26 -27.13 -7.49
C PRO A 359 1.42 -26.99 -6.23
N GLY A 360 0.10 -26.96 -6.40
CA GLY A 360 -0.84 -26.73 -5.28
C GLY A 360 -0.81 -25.38 -4.57
N SER A 361 -0.15 -24.38 -5.15
CA SER A 361 -0.04 -23.11 -4.45
C SER A 361 -1.37 -22.38 -4.45
N LYS A 362 -1.78 -21.92 -3.27
CA LYS A 362 -2.91 -20.99 -3.12
C LYS A 362 -2.72 -19.61 -3.76
N TRP A 363 -1.48 -19.23 -4.10
CA TRP A 363 -1.21 -17.91 -4.68
C TRP A 363 -1.84 -17.70 -6.06
N ARG A 364 -2.79 -16.78 -6.16
CA ARG A 364 -3.44 -16.47 -7.46
C ARG A 364 -4.02 -17.70 -8.20
N ASN A 365 -4.62 -18.57 -7.42
CA ASN A 365 -5.17 -19.82 -7.93
C ASN A 365 -6.65 -19.68 -8.35
N LEU A 366 -7.28 -18.54 -8.07
CA LEU A 366 -8.69 -18.32 -8.52
C LEU A 366 -8.71 -17.54 -9.80
N GLN A 367 -9.03 -18.18 -10.92
CA GLN A 367 -9.23 -17.47 -12.17
C GLN A 367 -10.62 -16.82 -12.16
N VAL A 368 -10.70 -15.54 -12.48
CA VAL A 368 -11.93 -14.83 -12.28
C VAL A 368 -12.30 -14.01 -13.49
N GLU A 369 -13.61 -13.83 -13.76
CA GLU A 369 -14.07 -12.77 -14.69
C GLU A 369 -14.91 -11.68 -13.97
N TRP A 370 -14.90 -10.47 -14.50
CA TRP A 370 -15.54 -9.34 -13.82
C TRP A 370 -16.85 -8.93 -14.41
N ASP A 371 -17.74 -8.44 -13.57
CA ASP A 371 -19.02 -7.94 -14.10
C ASP A 371 -18.79 -6.74 -15.00
N GLU A 372 -17.89 -5.87 -14.55
CA GLU A 372 -17.47 -4.70 -15.30
C GLU A 372 -15.97 -4.75 -15.57
N PRO A 373 -15.55 -5.36 -16.71
CA PRO A 373 -14.11 -5.38 -17.01
C PRO A 373 -13.53 -3.98 -17.23
N GLY A 374 -14.35 -3.06 -17.74
CA GLY A 374 -13.87 -1.72 -18.07
C GLY A 374 -12.69 -1.87 -19.03
N CYS A 375 -11.59 -1.20 -18.73
CA CYS A 375 -10.42 -1.20 -19.60
C CYS A 375 -9.54 -2.45 -19.47
N ASN A 376 -10.10 -3.51 -18.87
CA ASN A 376 -9.34 -4.71 -18.53
C ASN A 376 -8.26 -4.38 -17.51
N ASP A 377 -8.73 -3.64 -16.50
CA ASP A 377 -7.95 -3.08 -15.40
C ASP A 377 -7.63 -4.16 -14.33
N LYS A 378 -8.65 -4.91 -13.93
CA LYS A 378 -8.54 -5.85 -12.82
C LYS A 378 -7.87 -7.18 -13.18
N PRO A 379 -7.19 -7.81 -12.21
CA PRO A 379 -6.44 -9.04 -12.41
C PRO A 379 -7.35 -10.22 -12.76
N THR A 380 -6.85 -11.11 -13.63
CA THR A 380 -7.62 -12.24 -14.10
C THR A 380 -7.43 -13.45 -13.17
N ARG A 381 -6.43 -13.35 -12.30
CA ARG A 381 -6.27 -14.30 -11.20
C ARG A 381 -6.12 -13.61 -9.84
N VAL A 382 -6.78 -14.13 -8.82
CA VAL A 382 -6.64 -13.56 -7.49
C VAL A 382 -6.46 -14.71 -6.54
N SER A 383 -6.32 -14.39 -5.26
CA SER A 383 -6.14 -15.33 -4.20
C SER A 383 -7.32 -15.42 -3.24
N PRO A 384 -7.52 -16.61 -2.63
CA PRO A 384 -8.68 -16.81 -1.76
C PRO A 384 -8.84 -15.71 -0.70
N TRP A 385 -7.74 -15.20 -0.15
CA TRP A 385 -7.86 -14.15 0.89
C TRP A 385 -8.23 -12.77 0.32
N ASP A 386 -8.31 -12.63 -1.01
CA ASP A 386 -8.63 -11.34 -1.64
C ASP A 386 -10.15 -11.17 -1.76
N ILE A 387 -10.92 -12.25 -1.64
CA ILE A 387 -12.36 -12.16 -1.92
C ILE A 387 -13.22 -12.23 -0.66
N GLU A 388 -14.40 -11.62 -0.72
CA GLU A 388 -15.43 -11.86 0.30
C GLU A 388 -16.67 -12.59 -0.25
N THR A 389 -17.36 -13.32 0.65
CA THR A 389 -18.66 -14.02 0.39
C THR A 389 -19.28 -14.56 1.68
#